data_9CGN
#
_entry.id   9CGN
#
_cell.length_a   58.040
_cell.length_b   105.180
_cell.length_c   114.580
_cell.angle_alpha   90.00
_cell.angle_beta   90.00
_cell.angle_gamma   90.00
#
_symmetry.space_group_name_H-M   'P 21 21 21'
#
loop_
_entity.id
_entity.type
_entity.pdbx_description
1 polymer 'Narbonolide/10-deoxymethynolide synthase PikA4, module 6'
2 non-polymer (2S,4R,5S,6S,8R,12R,13R)-5,13-dihydroxy-2,4,6,8,12-pentamethyl-3,9-dioxopentadecanal
3 water water
#
_entity_poly.entity_id   1
_entity_poly.type   'polypeptide(L)'
_entity_poly.pdbx_seq_one_letter_code
;AGMFRALFRQAVEDDRYGEFLDVLAEASAFRPQFASPEACSERLDPVLLAGGPTDRAEGRAVLVGCTGTAANGGPHEFLR
LSTSFQEERDFLAVPLPGYGTGTGTGTALLPADLDTALDAQARAILRAAGDAPVVLLGH(DPP)GGALLAHELAFRLERA
HGAPPAGIVLVDPYPPGHQEPIEVWSRQLGEGLFAGELEPMSDARLLAMGRYARFLAGPRPGRSSAPVLLVRASEPLGDW
QEERGDWRAHWDLPHTVADVPGDHFTMMRDHAPAVAEAVLSWLDAIE
;
_entity_poly.pdbx_strand_id   A,B
#
loop_
_chem_comp.id
_chem_comp.type
_chem_comp.name
_chem_comp.formula
A1AWF non-polymer (2S,4R,5S,6S,8R,12R,13R)-5,13-dihydroxy-2,4,6,8,12-pentamethyl-3,9-dioxopentadecanal 'C20 H36 O5'
#
# COMPACT_ATOMS: atom_id res chain seq x y z
N ALA A 1 12.06 -0.57 -10.82
CA ALA A 1 12.22 0.02 -9.48
C ALA A 1 11.66 -0.88 -8.37
N GLY A 2 10.82 -0.27 -7.52
CA GLY A 2 10.31 -0.91 -6.32
C GLY A 2 8.94 -1.53 -6.52
N MET A 3 8.35 -1.97 -5.41
CA MET A 3 7.13 -2.76 -5.51
C MET A 3 5.92 -1.90 -5.85
N PHE A 4 5.83 -0.68 -5.30
CA PHE A 4 4.71 0.20 -5.61
C PHE A 4 4.64 0.54 -7.10
N ARG A 5 5.79 0.78 -7.73
CA ARG A 5 5.78 1.07 -9.17
C ARG A 5 5.31 -0.13 -9.98
N ALA A 6 5.60 -1.35 -9.50
CA ALA A 6 5.12 -2.55 -10.19
C ALA A 6 3.62 -2.70 -10.04
N LEU A 7 3.14 -2.62 -8.79
CA LEU A 7 1.71 -2.71 -8.54
C LEU A 7 0.96 -1.67 -9.36
N PHE A 8 1.44 -0.42 -9.33
CA PHE A 8 0.80 0.66 -10.07
C PHE A 8 0.72 0.36 -11.57
N ARG A 9 1.80 -0.18 -12.16
CA ARG A 9 1.81 -0.47 -13.59
C ARG A 9 0.82 -1.57 -13.92
N GLN A 10 0.75 -2.60 -13.08
CA GLN A 10 -0.29 -3.60 -13.21
C GLN A 10 -1.66 -2.97 -13.22
N ALA A 11 -1.92 -2.06 -12.28
CA ALA A 11 -3.24 -1.48 -12.10
C ALA A 11 -3.70 -0.68 -13.31
N VAL A 12 -2.76 -0.08 -14.04
CA VAL A 12 -3.16 0.74 -15.18
C VAL A 12 -3.60 -0.14 -16.34
N GLU A 13 -2.94 -1.27 -16.53
CA GLU A 13 -3.34 -2.20 -17.58
C GLU A 13 -4.74 -2.75 -17.33
N ASP A 14 -5.17 -2.80 -16.06
CA ASP A 14 -6.43 -3.42 -15.66
C ASP A 14 -7.53 -2.41 -15.39
N ASP A 15 -7.48 -1.25 -16.08
CA ASP A 15 -8.22 -0.04 -15.73
C ASP A 15 -8.60 0.02 -14.26
N ARG A 16 -7.60 0.04 -13.39
CA ARG A 16 -7.82 0.24 -11.95
C ARG A 16 -6.89 1.32 -11.41
N TYR A 17 -6.54 2.29 -12.27
CA TYR A 17 -5.83 3.50 -11.86
C TYR A 17 -6.47 4.14 -10.64
N GLY A 18 -7.78 4.31 -10.66
CA GLY A 18 -8.48 4.92 -9.56
C GLY A 18 -8.26 4.19 -8.26
N GLU A 19 -8.63 2.91 -8.21
CA GLU A 19 -8.51 2.14 -6.96
C GLU A 19 -7.09 2.13 -6.42
N PHE A 20 -6.09 2.12 -7.29
CA PHE A 20 -4.73 2.05 -6.77
C PHE A 20 -4.24 3.39 -6.26
N LEU A 21 -4.66 4.49 -6.88
CA LEU A 21 -4.40 5.80 -6.33
C LEU A 21 -4.93 5.95 -4.91
N ASP A 22 -5.92 5.14 -4.52
CA ASP A 22 -6.41 5.13 -3.14
C ASP A 22 -5.61 4.20 -2.24
N VAL A 23 -4.99 3.15 -2.78
CA VAL A 23 -4.00 2.42 -1.98
C VAL A 23 -2.81 3.32 -1.64
N LEU A 24 -2.36 4.11 -2.62
CA LEU A 24 -1.21 4.99 -2.38
C LEU A 24 -1.49 6.00 -1.28
N ALA A 25 -2.71 6.55 -1.24
CA ALA A 25 -3.02 7.54 -0.21
C ALA A 25 -3.09 6.88 1.16
N GLU A 26 -3.77 5.73 1.24
CA GLU A 26 -3.83 4.95 2.49
C GLU A 26 -2.44 4.60 2.98
N ALA A 27 -1.63 4.01 2.09
CA ALA A 27 -0.26 3.64 2.41
C ALA A 27 0.57 4.83 2.91
N SER A 28 0.34 6.03 2.37
CA SER A 28 1.20 7.17 2.68
C SER A 28 1.01 7.71 4.10
N ALA A 29 -0.11 7.40 4.76
CA ALA A 29 -0.30 7.72 6.17
C ALA A 29 0.83 7.20 7.06
N PHE A 30 1.52 6.13 6.64
CA PHE A 30 2.59 5.51 7.41
C PHE A 30 3.97 5.99 6.98
N ARG A 31 4.04 7.07 6.21
CA ARG A 31 5.32 7.69 6.00
C ARG A 31 5.61 8.62 7.15
N PRO A 32 6.87 8.99 7.36
CA PRO A 32 7.16 10.02 8.37
C PRO A 32 6.66 11.38 7.89
N GLN A 33 6.14 12.18 8.82
CA GLN A 33 5.55 13.46 8.44
C GLN A 33 6.30 14.67 9.01
N PHE A 34 5.88 15.85 8.57
CA PHE A 34 6.21 17.10 9.25
C PHE A 34 4.91 17.85 9.49
N ALA A 35 4.77 18.41 10.69
CA ALA A 35 3.48 18.94 11.09
C ALA A 35 3.46 20.45 11.16
N SER A 36 4.62 21.08 11.18
CA SER A 36 4.73 22.52 11.10
C SER A 36 5.51 22.84 9.85
N PRO A 37 5.40 24.08 9.34
CA PRO A 37 6.22 24.46 8.18
C PRO A 37 7.73 24.42 8.41
N GLU A 38 8.19 24.76 9.62
CA GLU A 38 9.63 24.75 9.89
C GLU A 38 10.21 23.35 9.81
N ALA A 39 9.50 22.35 10.39
CA ALA A 39 9.86 20.92 10.38
C ALA A 39 10.00 20.32 8.94
N CYS A 40 9.86 21.11 7.88
CA CYS A 40 10.06 20.63 6.50
C CYS A 40 11.51 20.20 6.29
N SER A 41 11.69 19.02 5.67
CA SER A 41 13.04 18.50 5.41
C SER A 41 13.78 19.32 4.35
N GLU A 42 13.11 19.57 3.21
CA GLU A 42 13.70 20.25 2.07
C GLU A 42 13.91 21.73 2.37
N ARG A 43 14.81 22.34 1.61
CA ARG A 43 14.83 23.79 1.47
C ARG A 43 13.89 24.10 0.30
N LEU A 44 12.82 24.85 0.57
CA LEU A 44 11.87 25.08 -0.50
C LEU A 44 12.23 26.26 -1.33
N ASP A 45 13.49 26.67 -1.30
CA ASP A 45 13.98 27.77 -2.09
C ASP A 45 13.52 27.65 -3.54
N PRO A 46 12.77 28.60 -4.06
CA PRO A 46 12.41 28.59 -5.49
C PRO A 46 13.64 28.74 -6.37
N VAL A 47 13.43 28.56 -7.66
CA VAL A 47 14.50 28.46 -8.66
C VAL A 47 14.18 29.41 -9.81
N LEU A 48 15.16 30.20 -10.21
CA LEU A 48 14.94 31.15 -11.30
C LEU A 48 15.19 30.46 -12.64
N LEU A 49 14.16 30.42 -13.48
CA LEU A 49 14.23 29.75 -14.77
C LEU A 49 14.03 30.66 -15.95
N ALA A 50 13.66 31.91 -15.72
CA ALA A 50 13.62 32.92 -16.77
C ALA A 50 13.85 34.26 -16.09
N GLY A 51 14.63 35.11 -16.74
CA GLY A 51 14.87 36.45 -16.25
C GLY A 51 14.02 37.42 -17.05
N GLY A 52 13.58 38.48 -16.39
CA GLY A 52 12.77 39.47 -17.06
C GLY A 52 13.61 40.60 -17.62
N PRO A 53 12.95 41.59 -18.21
CA PRO A 53 13.67 42.76 -18.70
C PRO A 53 14.24 43.53 -17.54
N THR A 54 15.34 44.25 -17.81
CA THR A 54 15.91 45.15 -16.82
C THR A 54 15.15 46.49 -16.86
N ASP A 55 13.83 46.38 -16.78
CA ASP A 55 12.90 47.51 -16.68
C ASP A 55 13.17 48.57 -17.74
N GLU A 58 9.66 48.13 -8.91
CA GLU A 58 9.25 48.64 -10.22
C GLU A 58 7.79 48.38 -10.55
N GLY A 59 7.06 47.81 -9.59
CA GLY A 59 5.65 47.49 -9.74
C GLY A 59 5.35 46.26 -10.58
N ARG A 60 6.37 45.52 -10.98
CA ARG A 60 6.25 44.54 -12.04
C ARG A 60 6.09 43.14 -11.45
N ALA A 61 5.15 42.37 -12.00
CA ALA A 61 4.73 41.11 -11.38
C ALA A 61 5.57 39.93 -11.88
N VAL A 62 5.87 39.00 -10.96
CA VAL A 62 6.68 37.83 -11.29
C VAL A 62 5.80 36.58 -11.33
N LEU A 63 6.17 35.67 -12.23
CA LEU A 63 5.54 34.38 -12.35
C LEU A 63 6.13 33.42 -11.33
N VAL A 64 5.28 32.68 -10.62
CA VAL A 64 5.75 31.61 -9.75
C VAL A 64 5.04 30.33 -10.13
N GLY A 65 5.82 29.33 -10.56
CA GLY A 65 5.26 28.09 -11.06
C GLY A 65 5.17 27.08 -9.94
N CYS A 66 4.02 26.45 -9.83
CA CYS A 66 3.73 25.53 -8.74
C CYS A 66 3.85 24.12 -9.27
N THR A 67 4.81 23.36 -8.72
CA THR A 67 5.04 22.01 -9.22
C THR A 67 3.83 21.11 -8.99
N GLY A 68 3.53 20.30 -10.00
CA GLY A 68 2.32 19.50 -10.01
C GLY A 68 2.38 18.32 -9.05
N THR A 69 1.52 17.34 -9.26
CA THR A 69 1.50 16.22 -8.35
C THR A 69 2.08 14.96 -8.94
N ALA A 70 2.21 14.90 -10.27
CA ALA A 70 2.75 13.72 -10.95
C ALA A 70 4.08 13.29 -10.35
N ALA A 71 4.15 12.02 -9.96
CA ALA A 71 5.36 11.48 -9.35
C ALA A 71 6.52 11.42 -10.33
N ASN A 72 6.23 11.39 -11.65
CA ASN A 72 7.22 11.30 -12.73
C ASN A 72 7.91 12.62 -13.08
N GLY A 73 7.67 13.67 -12.32
CA GLY A 73 8.27 14.95 -12.64
C GLY A 73 9.13 15.51 -11.53
N GLY A 74 9.31 16.83 -11.56
CA GLY A 74 10.10 17.52 -10.58
C GLY A 74 10.51 18.87 -11.10
N PRO A 75 11.79 18.99 -11.50
CA PRO A 75 12.35 20.31 -11.86
C PRO A 75 12.20 20.66 -13.35
N HIS A 76 12.50 19.69 -14.22
CA HIS A 76 12.32 19.74 -15.67
C HIS A 76 10.88 20.09 -16.09
N GLU A 77 9.96 20.19 -15.14
CA GLU A 77 8.56 20.39 -15.48
C GLU A 77 8.33 21.69 -16.24
N PHE A 78 9.06 22.75 -15.89
CA PHE A 78 8.73 24.07 -16.43
C PHE A 78 9.74 24.57 -17.43
N LEU A 79 10.62 23.71 -17.93
CA LEU A 79 11.69 24.21 -18.78
C LEU A 79 11.18 24.67 -20.14
N ARG A 80 10.39 23.84 -20.84
CA ARG A 80 9.85 24.30 -22.13
C ARG A 80 9.01 25.57 -21.96
N LEU A 81 8.25 25.66 -20.88
CA LEU A 81 7.40 26.81 -20.72
C LEU A 81 8.23 28.04 -20.39
N SER A 82 9.22 27.88 -19.52
CA SER A 82 9.90 29.05 -18.96
C SER A 82 10.69 29.81 -20.03
N THR A 83 11.30 29.10 -20.99
CA THR A 83 12.14 29.80 -21.96
C THR A 83 11.35 30.84 -22.75
N SER A 84 10.04 30.66 -22.94
CA SER A 84 9.27 31.73 -23.60
C SER A 84 9.07 32.93 -22.68
N PHE A 85 9.46 32.86 -21.42
CA PHE A 85 9.42 34.00 -20.52
C PHE A 85 10.75 34.71 -20.41
N GLN A 86 11.77 34.26 -21.12
CA GLN A 86 13.04 34.95 -21.05
C GLN A 86 12.89 36.33 -21.68
N GLU A 87 13.41 37.35 -21.01
CA GLU A 87 13.29 38.76 -21.37
C GLU A 87 11.85 39.26 -21.28
N GLU A 88 10.97 38.52 -20.61
CA GLU A 88 9.58 38.92 -20.44
C GLU A 88 9.16 39.03 -18.98
N ARG A 89 9.37 37.98 -18.19
CA ARG A 89 8.95 37.98 -16.81
C ARG A 89 9.94 37.14 -16.03
N ASP A 90 10.09 37.45 -14.75
CA ASP A 90 10.82 36.52 -13.90
C ASP A 90 9.94 35.31 -13.65
N PHE A 91 10.57 34.14 -13.67
CA PHE A 91 9.85 32.89 -13.54
C PHE A 91 10.55 32.06 -12.48
N LEU A 92 9.94 31.95 -11.31
CA LEU A 92 10.40 31.03 -10.28
C LEU A 92 9.63 29.72 -10.39
N ALA A 93 10.25 28.63 -9.94
CA ALA A 93 9.54 27.37 -9.82
C ALA A 93 9.74 26.89 -8.40
N VAL A 94 8.65 26.69 -7.68
CA VAL A 94 8.70 26.35 -6.25
C VAL A 94 8.37 24.86 -6.12
N PRO A 95 9.19 24.09 -5.42
CA PRO A 95 8.95 22.64 -5.32
C PRO A 95 7.85 22.31 -4.33
N LEU A 96 7.29 21.15 -4.51
CA LEU A 96 6.28 20.63 -3.62
C LEU A 96 6.93 19.81 -2.48
N PRO A 97 6.63 20.12 -1.22
CA PRO A 97 7.15 19.30 -0.09
C PRO A 97 6.76 17.84 -0.22
N GLY A 98 7.73 16.95 0.03
CA GLY A 98 7.49 15.52 -0.05
C GLY A 98 8.16 14.79 -1.19
N TYR A 99 8.94 15.46 -2.04
CA TYR A 99 9.61 14.77 -3.15
C TYR A 99 11.11 15.04 -3.17
N GLY A 100 11.77 15.00 -2.00
CA GLY A 100 13.16 15.39 -1.89
C GLY A 100 14.18 14.24 -1.91
N THR A 101 15.46 14.65 -1.95
CA THR A 101 16.67 13.83 -2.14
C THR A 101 16.44 12.32 -2.25
N GLY A 106 18.50 10.68 0.89
CA GLY A 106 17.46 9.79 1.37
C GLY A 106 16.07 10.02 0.80
N THR A 107 15.06 10.10 1.69
CA THR A 107 13.68 10.39 1.29
C THR A 107 13.07 11.45 2.23
N ALA A 108 12.12 12.24 1.70
CA ALA A 108 11.65 13.50 2.27
C ALA A 108 10.35 13.36 3.06
N LEU A 109 10.25 14.13 4.15
CA LEU A 109 9.06 14.09 5.00
C LEU A 109 7.82 14.52 4.22
N LEU A 110 6.62 13.93 4.65
CA LEU A 110 5.38 14.27 3.96
C LEU A 110 4.58 15.25 4.80
N PRO A 111 3.82 16.14 4.15
CA PRO A 111 3.03 17.11 4.91
C PRO A 111 1.96 16.41 5.72
N ALA A 112 1.85 16.79 6.99
CA ALA A 112 0.78 16.26 7.82
C ALA A 112 -0.57 16.54 7.16
N ASP A 113 -0.71 17.68 6.50
CA ASP A 113 -1.91 17.98 5.73
C ASP A 113 -1.57 19.06 4.72
N LEU A 114 -2.51 19.32 3.80
CA LEU A 114 -2.24 20.21 2.67
C LEU A 114 -1.86 21.61 3.11
N ASP A 115 -2.48 22.10 4.19
CA ASP A 115 -2.20 23.45 4.64
C ASP A 115 -0.77 23.57 5.15
N THR A 116 -0.24 22.53 5.77
CA THR A 116 1.15 22.55 6.22
C THR A 116 2.11 22.66 5.05
N ALA A 117 1.75 22.06 3.91
CA ALA A 117 2.60 22.14 2.72
C ALA A 117 2.53 23.53 2.09
N LEU A 118 1.32 24.09 1.97
CA LEU A 118 1.16 25.40 1.37
C LEU A 118 1.86 26.48 2.19
N ASP A 119 1.75 26.40 3.51
CA ASP A 119 2.44 27.39 4.34
C ASP A 119 3.96 27.27 4.19
N ALA A 120 4.47 26.04 4.08
CA ALA A 120 5.88 25.87 3.77
C ALA A 120 6.24 26.57 2.46
N GLN A 121 5.37 26.45 1.45
CA GLN A 121 5.67 27.03 0.15
C GLN A 121 5.45 28.53 0.14
N ALA A 122 4.40 29.01 0.81
CA ALA A 122 4.15 30.45 0.88
C ALA A 122 5.29 31.19 1.58
N ARG A 123 5.97 30.53 2.51
CA ARG A 123 7.09 31.16 3.20
C ARG A 123 8.28 31.34 2.27
N ALA A 124 8.61 30.30 1.50
CA ALA A 124 9.71 30.44 0.57
C ALA A 124 9.39 31.39 -0.57
N ILE A 125 8.10 31.64 -0.84
CA ILE A 125 7.74 32.50 -1.96
C ILE A 125 7.72 33.97 -1.57
N LEU A 126 7.18 34.29 -0.38
CA LEU A 126 7.28 35.66 0.09
C LEU A 126 8.74 36.06 0.27
N ARG A 127 9.55 35.16 0.83
CA ARG A 127 10.99 35.40 1.03
C ARG A 127 11.76 35.59 -0.27
N ALA A 128 11.21 35.17 -1.41
CA ALA A 128 11.88 35.30 -2.69
C ALA A 128 11.29 36.39 -3.56
N ALA A 129 9.96 36.53 -3.56
CA ALA A 129 9.33 37.61 -4.33
C ALA A 129 9.87 38.96 -3.89
N GLY A 130 10.26 39.08 -2.63
CA GLY A 130 10.56 40.39 -2.09
C GLY A 130 9.32 41.25 -2.24
N ASP A 131 9.47 42.39 -2.91
CA ASP A 131 8.38 43.34 -3.07
C ASP A 131 7.57 43.12 -4.34
N ALA A 132 7.75 42.04 -4.99
CA ALA A 132 7.04 42.01 -6.26
C ALA A 132 5.66 41.38 -6.10
N PRO A 133 4.65 41.83 -6.86
CA PRO A 133 3.43 41.02 -6.96
C PRO A 133 3.78 39.67 -7.56
N VAL A 134 3.10 38.63 -7.10
CA VAL A 134 3.36 37.27 -7.56
C VAL A 134 2.18 36.81 -8.40
N VAL A 135 2.46 36.05 -9.45
CA VAL A 135 1.38 35.36 -10.15
C VAL A 135 1.68 33.87 -10.13
N LEU A 136 0.76 33.11 -9.57
CA LEU A 136 0.90 31.66 -9.43
C LEU A 136 0.42 30.97 -10.71
N LEU A 137 1.19 29.98 -11.15
CA LEU A 137 0.94 29.25 -12.37
C LEU A 137 1.05 27.76 -12.10
N GLY A 138 0.07 26.99 -12.55
CA GLY A 138 0.10 25.55 -12.35
C GLY A 138 -0.68 24.85 -13.44
N HIS A 139 -0.24 23.64 -13.78
CA HIS A 139 -0.89 22.77 -14.76
C HIS A 139 -1.46 21.52 -14.05
N DPP A 140 -2.53 20.96 -14.60
CA DPP A 140 -3.30 19.80 -14.02
C DPP A 140 -3.48 19.82 -12.48
O DPP A 140 -4.22 20.59 -11.96
CB DPP A 140 -2.65 18.44 -14.42
NG DPP A 140 -3.68 17.40 -14.22
N GLY A 141 -2.81 18.90 -11.80
CA GLY A 141 -2.90 18.85 -10.35
C GLY A 141 -2.32 20.10 -9.74
N GLY A 142 -1.36 20.70 -10.45
CA GLY A 142 -0.72 21.92 -10.02
C GLY A 142 -1.55 23.17 -10.18
N ALA A 143 -2.60 23.12 -10.99
CA ALA A 143 -3.58 24.20 -10.99
C ALA A 143 -4.47 24.14 -9.75
N LEU A 144 -4.86 22.94 -9.33
CA LEU A 144 -5.55 22.84 -8.05
C LEU A 144 -4.64 23.29 -6.91
N LEU A 145 -3.34 23.03 -7.01
CA LEU A 145 -2.39 23.48 -5.99
C LEU A 145 -2.13 24.98 -6.07
N ALA A 146 -2.11 25.54 -7.29
CA ALA A 146 -1.91 26.98 -7.43
C ALA A 146 -3.03 27.77 -6.77
N HIS A 147 -4.27 27.37 -7.02
CA HIS A 147 -5.36 28.08 -6.39
C HIS A 147 -5.35 27.90 -4.88
N GLU A 148 -5.04 26.70 -4.39
CA GLU A 148 -5.05 26.49 -2.96
C GLU A 148 -3.97 27.33 -2.28
N LEU A 149 -2.85 27.55 -2.96
CA LEU A 149 -1.79 28.39 -2.40
C LEU A 149 -2.20 29.86 -2.44
N ALA A 150 -2.81 30.30 -3.54
CA ALA A 150 -3.30 31.67 -3.60
C ALA A 150 -4.25 31.97 -2.46
N PHE A 151 -5.14 31.04 -2.13
CA PHE A 151 -6.04 31.29 -1.03
C PHE A 151 -5.31 31.28 0.30
N ARG A 152 -4.21 30.54 0.38
CA ARG A 152 -3.46 30.51 1.62
C ARG A 152 -2.63 31.78 1.79
N LEU A 153 -2.02 32.27 0.71
CA LEU A 153 -1.27 33.52 0.81
C LEU A 153 -2.19 34.67 1.22
N GLU A 154 -3.45 34.60 0.78
CA GLU A 154 -4.43 35.64 1.12
C GLU A 154 -4.91 35.49 2.56
N ARG A 155 -5.62 34.40 2.86
CA ARG A 155 -6.32 34.23 4.12
C ARG A 155 -5.36 34.12 5.30
N ALA A 156 -4.23 33.44 5.13
CA ALA A 156 -3.36 33.17 6.27
C ALA A 156 -2.16 34.12 6.35
N HIS A 157 -1.58 34.52 5.24
CA HIS A 157 -0.42 35.40 5.25
C HIS A 157 -0.74 36.85 4.93
N GLY A 158 -2.00 37.18 4.67
CA GLY A 158 -2.37 38.54 4.40
C GLY A 158 -1.80 39.14 3.14
N ALA A 159 -1.16 38.34 2.28
CA ALA A 159 -0.49 38.85 1.08
C ALA A 159 -1.04 38.13 -0.15
N PRO A 160 -2.20 38.53 -0.66
CA PRO A 160 -2.78 37.85 -1.83
C PRO A 160 -1.92 38.02 -3.07
N PRO A 161 -1.88 37.02 -3.95
CA PRO A 161 -1.11 37.18 -5.20
C PRO A 161 -1.84 38.12 -6.14
N ALA A 162 -1.11 38.57 -7.15
CA ALA A 162 -1.69 39.42 -8.17
C ALA A 162 -2.60 38.68 -9.15
N GLY A 163 -2.45 37.37 -9.31
CA GLY A 163 -3.29 36.61 -10.24
C GLY A 163 -2.90 35.15 -10.24
N ILE A 164 -3.78 34.35 -10.82
CA ILE A 164 -3.63 32.89 -10.89
C ILE A 164 -3.78 32.43 -12.35
N VAL A 165 -2.85 31.60 -12.80
CA VAL A 165 -2.94 31.02 -14.14
C VAL A 165 -3.19 29.54 -13.95
N LEU A 166 -4.44 29.11 -14.19
CA LEU A 166 -4.83 27.70 -14.04
C LEU A 166 -4.80 27.07 -15.42
N VAL A 167 -3.75 26.29 -15.71
CA VAL A 167 -3.62 25.56 -16.97
C VAL A 167 -4.33 24.21 -16.78
N ASP A 168 -5.56 24.13 -17.29
CA ASP A 168 -6.35 22.91 -17.41
C ASP A 168 -6.70 22.27 -16.06
N PRO A 169 -7.40 22.97 -15.17
CA PRO A 169 -7.86 22.32 -13.94
C PRO A 169 -9.16 21.56 -14.15
N TYR A 170 -9.25 20.42 -13.46
CA TYR A 170 -10.50 19.67 -13.31
C TYR A 170 -10.79 19.64 -11.81
N PRO A 171 -11.42 20.67 -11.29
CA PRO A 171 -11.63 20.73 -9.84
C PRO A 171 -12.69 19.74 -9.41
N PRO A 172 -12.73 19.36 -8.14
CA PRO A 172 -13.64 18.33 -7.64
C PRO A 172 -15.05 18.17 -8.22
N GLY A 173 -15.79 19.20 -8.55
CA GLY A 173 -17.08 18.75 -9.04
C GLY A 173 -17.19 18.48 -10.52
N HIS A 174 -16.09 18.55 -11.26
CA HIS A 174 -16.12 18.52 -12.72
C HIS A 174 -15.06 17.60 -13.28
N GLN A 175 -14.82 16.46 -12.62
CA GLN A 175 -13.80 15.55 -13.08
C GLN A 175 -14.38 14.33 -13.80
N GLU A 176 -15.59 14.43 -14.33
CA GLU A 176 -16.09 13.30 -15.12
C GLU A 176 -15.16 12.97 -16.28
N PRO A 177 -14.65 13.94 -17.05
CA PRO A 177 -13.59 13.60 -18.04
C PRO A 177 -12.40 12.88 -17.44
N ILE A 178 -12.02 13.20 -16.20
CA ILE A 178 -10.85 12.58 -15.56
C ILE A 178 -11.09 11.10 -15.29
N GLU A 179 -12.35 10.71 -15.09
CA GLU A 179 -12.69 9.32 -14.80
C GLU A 179 -12.76 8.52 -16.08
N VAL A 180 -13.56 9.00 -17.04
CA VAL A 180 -13.65 8.38 -18.35
C VAL A 180 -12.26 8.17 -18.95
N TRP A 181 -11.34 9.10 -18.73
CA TRP A 181 -10.00 9.03 -19.31
C TRP A 181 -8.95 8.42 -18.36
N SER A 182 -9.37 7.79 -17.26
CA SER A 182 -8.44 7.24 -16.27
C SER A 182 -7.34 6.42 -16.93
N ARG A 183 -7.71 5.63 -17.93
CA ARG A 183 -6.73 4.76 -18.57
C ARG A 183 -5.64 5.56 -19.26
N GLN A 184 -6.05 6.48 -20.15
CA GLN A 184 -5.10 7.34 -20.85
C GLN A 184 -4.25 8.13 -19.85
N LEU A 185 -4.85 8.55 -18.73
CA LEU A 185 -4.12 9.32 -17.73
C LEU A 185 -3.02 8.49 -17.08
N GLY A 186 -3.35 7.27 -16.69
CA GLY A 186 -2.35 6.41 -16.07
C GLY A 186 -1.23 6.04 -17.03
N GLU A 187 -1.58 5.79 -18.29
CA GLU A 187 -0.58 5.43 -19.28
C GLU A 187 0.33 6.62 -19.62
N GLY A 188 -0.23 7.84 -19.64
CA GLY A 188 0.62 9.00 -19.82
C GLY A 188 1.52 9.26 -18.64
N LEU A 189 1.13 8.78 -17.45
CA LEU A 189 1.98 8.92 -16.29
C LEU A 189 3.24 8.10 -16.43
N PHE A 190 3.12 6.92 -17.03
CA PHE A 190 4.26 6.05 -17.27
C PHE A 190 5.05 6.50 -18.49
N ALA A 191 4.35 6.88 -19.55
CA ALA A 191 4.97 7.30 -20.79
C ALA A 191 5.84 8.54 -20.64
N GLY A 192 5.72 9.27 -19.52
CA GLY A 192 6.52 10.44 -19.25
C GLY A 192 7.67 10.19 -18.29
N GLU A 193 7.90 8.94 -17.92
CA GLU A 193 9.07 8.59 -17.12
C GLU A 193 10.36 8.89 -17.88
N LEU A 194 11.24 9.64 -17.24
CA LEU A 194 12.62 9.76 -17.66
C LEU A 194 13.55 8.87 -16.84
N GLU A 195 12.98 8.06 -15.95
CA GLU A 195 13.60 7.04 -15.13
C GLU A 195 12.46 6.42 -14.32
N PRO A 196 12.67 5.32 -13.59
CA PRO A 196 11.58 4.75 -12.79
C PRO A 196 11.07 5.69 -11.69
N MET A 197 9.75 5.72 -11.55
CA MET A 197 9.12 6.45 -10.45
C MET A 197 9.46 5.81 -9.12
N SER A 198 10.09 6.57 -8.23
CA SER A 198 10.38 6.04 -6.90
C SER A 198 9.08 5.83 -6.15
N ASP A 199 9.11 4.88 -5.23
CA ASP A 199 7.90 4.60 -4.48
C ASP A 199 7.59 5.71 -3.49
N ALA A 200 8.62 6.38 -2.95
CA ALA A 200 8.35 7.47 -2.02
C ALA A 200 7.63 8.61 -2.72
N ARG A 201 7.94 8.80 -4.00
CA ARG A 201 7.25 9.80 -4.81
C ARG A 201 5.85 9.34 -5.17
N LEU A 202 5.68 8.05 -5.47
CA LEU A 202 4.36 7.53 -5.76
C LEU A 202 3.44 7.66 -4.55
N LEU A 203 3.97 7.42 -3.35
CA LEU A 203 3.22 7.70 -2.14
C LEU A 203 2.94 9.19 -2.01
N ALA A 204 3.92 10.04 -2.33
CA ALA A 204 3.69 11.48 -2.32
C ALA A 204 2.49 11.87 -3.19
N MET A 205 2.49 11.43 -4.45
CA MET A 205 1.38 11.71 -5.37
C MET A 205 0.04 11.30 -4.77
N GLY A 206 -0.08 10.07 -4.28
CA GLY A 206 -1.35 9.61 -3.74
C GLY A 206 -1.82 10.39 -2.53
N ARG A 207 -0.88 10.81 -1.69
CA ARG A 207 -1.24 11.66 -0.56
C ARG A 207 -1.80 13.00 -1.05
N TYR A 208 -1.10 13.69 -1.96
CA TYR A 208 -1.60 14.97 -2.46
C TYR A 208 -2.90 14.82 -3.23
N ALA A 209 -3.04 13.71 -3.97
CA ALA A 209 -4.28 13.50 -4.70
C ALA A 209 -5.45 13.40 -3.74
N ARG A 210 -5.24 12.75 -2.60
CA ARG A 210 -6.28 12.69 -1.58
C ARG A 210 -6.65 14.09 -1.07
N PHE A 211 -5.65 14.87 -0.62
CA PHE A 211 -5.83 16.27 -0.25
C PHE A 211 -6.72 17.01 -1.23
N LEU A 212 -6.44 16.88 -2.52
CA LEU A 212 -7.06 17.74 -3.50
C LEU A 212 -8.47 17.33 -3.82
N ALA A 213 -8.84 16.11 -3.46
CA ALA A 213 -10.24 15.68 -3.60
C ALA A 213 -11.08 16.14 -2.42
N GLY A 214 -10.45 16.61 -1.35
CA GLY A 214 -11.11 17.05 -0.16
C GLY A 214 -11.98 18.27 -0.42
N PRO A 215 -12.77 18.59 0.57
CA PRO A 215 -13.56 19.83 0.55
C PRO A 215 -12.67 21.01 0.89
N ARG A 216 -12.36 21.84 -0.11
CA ARG A 216 -11.53 23.02 0.09
C ARG A 216 -12.37 24.21 -0.33
N PRO A 217 -13.23 24.68 0.57
CA PRO A 217 -14.28 25.64 0.18
C PRO A 217 -13.74 27.04 -0.04
N GLY A 218 -12.66 27.38 0.65
CA GLY A 218 -12.06 28.68 0.44
C GLY A 218 -11.75 28.94 -1.03
N ARG A 219 -12.28 30.05 -1.55
CA ARG A 219 -12.03 30.54 -2.90
C ARG A 219 -11.20 31.83 -2.86
N SER A 220 -10.34 32.02 -3.86
CA SER A 220 -9.39 33.14 -3.90
C SER A 220 -10.03 34.37 -4.51
N SER A 221 -9.45 35.52 -4.22
CA SER A 221 -9.96 36.76 -4.78
C SER A 221 -9.11 37.29 -5.91
N ALA A 222 -7.99 36.65 -6.24
CA ALA A 222 -7.15 37.10 -7.34
C ALA A 222 -7.83 36.82 -8.68
N PRO A 223 -7.51 37.60 -9.72
CA PRO A 223 -8.06 37.30 -11.04
C PRO A 223 -7.48 35.99 -11.57
N VAL A 224 -8.31 35.22 -12.26
CA VAL A 224 -7.94 33.87 -12.69
C VAL A 224 -7.94 33.80 -14.22
N LEU A 225 -6.81 33.41 -14.79
CA LEU A 225 -6.73 33.09 -16.21
C LEU A 225 -6.88 31.58 -16.34
N LEU A 226 -8.01 31.14 -16.90
CA LEU A 226 -8.22 29.74 -17.19
C LEU A 226 -7.72 29.41 -18.60
N VAL A 227 -6.67 28.60 -18.69
CA VAL A 227 -6.12 28.18 -19.99
C VAL A 227 -6.58 26.76 -20.28
N ARG A 228 -7.27 26.54 -21.39
CA ARG A 228 -7.90 25.26 -21.68
C ARG A 228 -7.25 24.57 -22.86
N ALA A 229 -7.15 23.25 -22.78
CA ALA A 229 -6.78 22.44 -23.94
C ALA A 229 -7.85 22.52 -25.02
N SER A 230 -7.42 22.32 -26.27
CA SER A 230 -8.35 22.37 -27.40
C SER A 230 -8.86 21.02 -27.83
N GLU A 231 -8.16 19.93 -27.51
CA GLU A 231 -8.46 18.60 -28.01
C GLU A 231 -8.64 17.62 -26.86
N PRO A 232 -9.64 16.76 -26.92
CA PRO A 232 -9.86 15.83 -25.81
C PRO A 232 -8.77 14.79 -25.76
N LEU A 233 -8.45 14.39 -24.53
CA LEU A 233 -7.37 13.43 -24.29
C LEU A 233 -7.72 12.06 -24.83
N GLY A 234 -9.00 11.68 -24.74
CA GLY A 234 -9.50 10.41 -25.23
C GLY A 234 -10.89 10.55 -25.81
N ASP A 235 -11.61 9.46 -26.00
CA ASP A 235 -12.92 9.69 -26.59
C ASP A 235 -13.86 10.26 -25.53
N TRP A 236 -14.94 10.84 -25.99
CA TRP A 236 -15.88 11.55 -25.14
C TRP A 236 -17.15 11.70 -25.95
N GLN A 237 -18.26 11.24 -25.40
CA GLN A 237 -19.54 11.35 -26.08
C GLN A 237 -20.13 12.71 -25.76
N GLU A 238 -20.11 13.58 -26.77
CA GLU A 238 -20.34 15.01 -26.58
C GLU A 238 -21.64 15.27 -25.81
N GLU A 239 -22.62 14.37 -25.92
CA GLU A 239 -23.86 14.59 -25.19
C GLU A 239 -23.76 14.18 -23.73
N ARG A 240 -22.55 14.08 -23.19
CA ARG A 240 -22.32 13.88 -21.78
C ARG A 240 -22.21 15.20 -21.04
N GLY A 241 -22.11 16.30 -21.78
CA GLY A 241 -21.63 17.57 -21.29
C GLY A 241 -20.30 17.94 -21.90
N ASP A 242 -19.60 18.84 -21.21
CA ASP A 242 -18.36 19.39 -21.71
C ASP A 242 -17.21 18.61 -21.10
N TRP A 243 -16.28 18.15 -21.95
CA TRP A 243 -15.05 17.53 -21.47
C TRP A 243 -13.98 18.54 -21.08
N ARG A 244 -14.19 19.83 -21.33
CA ARG A 244 -13.09 20.75 -21.21
C ARG A 244 -12.86 21.06 -19.73
N ALA A 245 -11.68 21.62 -19.44
CA ALA A 245 -11.32 22.06 -18.08
C ALA A 245 -12.25 23.16 -17.61
N HIS A 246 -12.41 23.28 -16.30
CA HIS A 246 -13.41 24.19 -15.79
C HIS A 246 -12.96 24.95 -14.55
N TRP A 247 -13.23 26.27 -14.52
CA TRP A 247 -13.12 27.09 -13.33
C TRP A 247 -14.32 28.03 -13.25
N ASP A 248 -14.72 28.39 -12.02
CA ASP A 248 -15.86 29.28 -11.82
C ASP A 248 -15.44 30.74 -11.92
N LEU A 249 -16.20 31.51 -12.69
CA LEU A 249 -16.00 32.94 -12.93
C LEU A 249 -14.54 33.30 -13.14
N PRO A 250 -13.91 32.90 -14.23
CA PRO A 250 -12.54 33.36 -14.50
C PRO A 250 -12.50 34.74 -15.13
N HIS A 251 -11.45 35.48 -14.77
CA HIS A 251 -11.20 36.76 -15.39
C HIS A 251 -11.05 36.61 -16.91
N THR A 252 -10.34 35.59 -17.35
CA THR A 252 -10.09 35.40 -18.77
C THR A 252 -10.03 33.91 -19.07
N VAL A 253 -10.54 33.54 -20.24
CA VAL A 253 -10.43 32.17 -20.73
C VAL A 253 -9.64 32.21 -22.02
N ALA A 254 -8.55 31.46 -22.06
CA ALA A 254 -7.71 31.30 -23.23
C ALA A 254 -7.62 29.82 -23.59
N ASP A 255 -7.82 29.47 -24.86
CA ASP A 255 -7.68 28.10 -25.35
C ASP A 255 -6.40 27.96 -26.16
N VAL A 256 -5.80 26.78 -26.12
CA VAL A 256 -4.53 26.54 -26.77
C VAL A 256 -4.57 25.18 -27.46
N PRO A 257 -3.67 24.95 -28.41
CA PRO A 257 -3.69 23.68 -29.14
C PRO A 257 -3.17 22.53 -28.31
N GLY A 258 -3.65 21.33 -28.62
CA GLY A 258 -3.18 20.12 -27.96
C GLY A 258 -4.18 19.57 -26.95
N ASP A 259 -3.80 18.48 -26.32
CA ASP A 259 -4.67 17.87 -25.34
C ASP A 259 -4.12 18.18 -23.95
N HIS A 260 -4.68 17.50 -22.94
CA HIS A 260 -4.29 17.74 -21.56
C HIS A 260 -2.80 17.52 -21.32
N PHE A 261 -2.16 16.62 -22.07
CA PHE A 261 -0.72 16.44 -21.96
C PHE A 261 0.06 17.37 -22.89
N THR A 262 -0.35 17.41 -24.14
CA THR A 262 0.47 18.02 -25.19
C THR A 262 0.43 19.52 -25.16
N MET A 263 -0.66 20.13 -24.65
CA MET A 263 -0.66 21.57 -24.44
C MET A 263 0.59 22.03 -23.70
N MET A 264 1.16 21.17 -22.85
CA MET A 264 2.27 21.58 -22.02
C MET A 264 3.63 21.17 -22.55
N ARG A 265 3.71 20.10 -23.36
CA ARG A 265 4.99 19.80 -24.02
C ARG A 265 5.07 20.58 -25.31
N ASP A 266 4.27 20.18 -26.29
CA ASP A 266 4.45 20.64 -27.66
C ASP A 266 4.08 22.12 -27.81
N HIS A 267 3.04 22.57 -27.12
CA HIS A 267 2.52 23.92 -27.32
C HIS A 267 2.75 24.83 -26.11
N ALA A 268 3.84 24.64 -25.36
CA ALA A 268 4.13 25.58 -24.27
C ALA A 268 4.35 27.00 -24.77
N PRO A 269 4.84 27.24 -25.98
CA PRO A 269 4.72 28.59 -26.55
C PRO A 269 3.33 29.19 -26.57
N ALA A 270 2.32 28.44 -27.01
CA ALA A 270 0.96 28.97 -26.96
C ALA A 270 0.56 29.37 -25.54
N VAL A 271 0.86 28.52 -24.55
CA VAL A 271 0.49 28.80 -23.16
C VAL A 271 1.14 30.10 -22.69
N ALA A 272 2.44 30.24 -22.95
CA ALA A 272 3.20 31.41 -22.50
C ALA A 272 2.69 32.69 -23.14
N GLU A 273 2.27 32.66 -24.41
CA GLU A 273 1.72 33.86 -24.99
C GLU A 273 0.37 34.24 -24.36
N ALA A 274 -0.44 33.25 -24.00
CA ALA A 274 -1.70 33.54 -23.33
C ALA A 274 -1.46 34.24 -22.02
N VAL A 275 -0.42 33.82 -21.30
CA VAL A 275 -0.12 34.36 -19.99
C VAL A 275 0.49 35.76 -20.09
N LEU A 276 1.28 36.01 -21.14
CA LEU A 276 1.89 37.31 -21.29
C LEU A 276 0.86 38.37 -21.72
N SER A 277 -0.05 38.03 -22.64
CA SER A 277 -1.10 39.00 -22.98
C SER A 277 -1.95 39.33 -21.78
N TRP A 278 -2.25 38.35 -20.95
CA TRP A 278 -3.19 38.62 -19.87
C TRP A 278 -2.52 39.39 -18.74
N LEU A 279 -1.27 39.04 -18.40
CA LEU A 279 -0.51 39.78 -17.39
C LEU A 279 -0.43 41.26 -17.73
N ASP A 280 -0.42 41.60 -19.02
CA ASP A 280 -0.41 43.00 -19.43
C ASP A 280 -1.79 43.63 -19.21
N ALA A 281 -2.86 42.96 -19.66
CA ALA A 281 -4.22 43.49 -19.50
C ALA A 281 -4.52 43.85 -18.05
N ILE A 282 -3.93 43.14 -17.10
CA ILE A 282 -4.27 43.44 -15.71
C ILE A 282 -3.20 44.33 -15.10
N GLU A 283 -2.56 45.18 -15.91
CA GLU A 283 -1.52 46.08 -15.39
C GLU A 283 -1.54 47.47 -16.07
N ALA B 1 15.82 -2.75 2.92
CA ALA B 1 15.18 -3.41 1.79
C ALA B 1 14.11 -2.53 1.10
N GLY B 2 12.84 -2.96 1.17
CA GLY B 2 11.78 -2.34 0.40
C GLY B 2 10.91 -1.39 1.21
N MET B 3 10.05 -0.66 0.49
CA MET B 3 9.24 0.39 1.10
C MET B 3 8.13 -0.17 1.95
N PHE B 4 7.52 -1.29 1.53
CA PHE B 4 6.45 -1.92 2.32
C PHE B 4 6.94 -2.33 3.69
N ARG B 5 8.21 -2.73 3.82
CA ARG B 5 8.77 -3.02 5.13
C ARG B 5 8.96 -1.74 5.95
N ALA B 6 9.30 -0.63 5.30
CA ALA B 6 9.45 0.63 6.03
C ALA B 6 8.10 1.14 6.52
N LEU B 7 7.07 1.01 5.71
CA LEU B 7 5.71 1.34 6.16
C LEU B 7 5.27 0.43 7.29
N PHE B 8 5.49 -0.88 7.14
CA PHE B 8 5.15 -1.84 8.18
C PHE B 8 5.84 -1.50 9.50
N ARG B 9 7.15 -1.22 9.46
CA ARG B 9 7.87 -0.86 10.68
C ARG B 9 7.28 0.40 11.30
N GLN B 10 7.05 1.43 10.49
CA GLN B 10 6.42 2.65 10.98
C GLN B 10 5.05 2.37 11.60
N ALA B 11 4.26 1.47 11.00
CA ALA B 11 2.93 1.21 11.55
C ALA B 11 2.96 0.48 12.88
N VAL B 12 4.05 -0.23 13.17
CA VAL B 12 4.11 -0.92 14.45
C VAL B 12 4.56 0.03 15.56
N GLU B 13 5.61 0.81 15.30
CA GLU B 13 5.96 1.92 16.19
C GLU B 13 4.72 2.69 16.63
N ASP B 14 3.86 3.03 15.66
CA ASP B 14 2.75 3.95 15.87
C ASP B 14 1.43 3.23 16.19
N ASP B 15 1.48 1.99 16.65
CA ASP B 15 0.30 1.20 17.06
C ASP B 15 -0.85 1.35 16.06
N ARG B 16 -0.55 1.01 14.79
CA ARG B 16 -1.51 1.01 13.68
C ARG B 16 -1.34 -0.24 12.83
N TYR B 17 -0.81 -1.30 13.44
CA TYR B 17 -0.71 -2.61 12.80
C TYR B 17 -2.00 -2.99 12.09
N GLY B 18 -3.13 -2.96 12.79
CA GLY B 18 -4.39 -3.35 12.17
C GLY B 18 -4.68 -2.60 10.87
N GLU B 19 -4.54 -1.25 10.91
CA GLU B 19 -4.75 -0.44 9.72
C GLU B 19 -3.90 -0.91 8.56
N PHE B 20 -2.64 -1.26 8.85
CA PHE B 20 -1.68 -1.52 7.78
C PHE B 20 -1.86 -2.90 7.14
N LEU B 21 -2.36 -3.90 7.88
CA LEU B 21 -2.69 -5.17 7.23
C LEU B 21 -3.76 -5.00 6.18
N ASP B 22 -4.62 -3.99 6.35
CA ASP B 22 -5.63 -3.69 5.36
C ASP B 22 -5.02 -3.13 4.08
N VAL B 23 -4.00 -2.28 4.20
CA VAL B 23 -3.32 -1.79 3.01
C VAL B 23 -2.56 -2.92 2.32
N LEU B 24 -1.83 -3.74 3.08
CA LEU B 24 -1.19 -4.93 2.53
C LEU B 24 -2.19 -5.79 1.78
N ALA B 25 -3.35 -6.04 2.39
CA ALA B 25 -4.35 -6.88 1.74
C ALA B 25 -4.86 -6.23 0.47
N GLU B 26 -5.15 -4.92 0.52
CA GLU B 26 -5.69 -4.24 -0.66
C GLU B 26 -4.65 -4.10 -1.77
N ALA B 27 -3.38 -3.95 -1.42
CA ALA B 27 -2.34 -3.85 -2.43
C ALA B 27 -2.02 -5.21 -3.05
N SER B 28 -2.26 -6.31 -2.33
CA SER B 28 -1.89 -7.61 -2.85
C SER B 28 -2.73 -8.00 -4.05
N ALA B 29 -3.90 -7.39 -4.22
CA ALA B 29 -4.78 -7.76 -5.32
C ALA B 29 -4.19 -7.38 -6.68
N PHE B 30 -3.26 -6.42 -6.70
CA PHE B 30 -2.57 -6.02 -7.92
C PHE B 30 -1.26 -6.78 -8.15
N ARG B 31 -1.01 -7.84 -7.40
CA ARG B 31 0.05 -8.77 -7.71
C ARG B 31 -0.46 -9.78 -8.74
N PRO B 32 0.44 -10.47 -9.43
CA PRO B 32 0.02 -11.59 -10.29
C PRO B 32 -0.56 -12.74 -9.47
N GLN B 33 -1.69 -13.28 -9.94
CA GLN B 33 -2.36 -14.41 -9.28
C GLN B 33 -2.25 -15.69 -10.10
N PHE B 34 -2.52 -16.82 -9.46
CA PHE B 34 -2.73 -18.10 -10.15
C PHE B 34 -4.13 -18.58 -9.79
N ALA B 35 -4.91 -18.99 -10.80
CA ALA B 35 -6.35 -19.17 -10.61
C ALA B 35 -6.78 -20.63 -10.40
N SER B 36 -5.92 -21.58 -10.77
CA SER B 36 -6.17 -23.00 -10.69
C SER B 36 -5.00 -23.69 -10.02
N PRO B 37 -5.25 -24.79 -9.32
CA PRO B 37 -4.18 -25.49 -8.59
C PRO B 37 -2.88 -25.74 -9.34
N GLU B 38 -2.92 -26.36 -10.53
CA GLU B 38 -1.68 -26.69 -11.22
C GLU B 38 -0.95 -25.46 -11.73
N ALA B 39 -1.63 -24.29 -11.80
CA ALA B 39 -1.05 -23.01 -12.21
C ALA B 39 -0.12 -22.40 -11.16
N CYS B 40 0.07 -23.07 -10.02
CA CYS B 40 0.98 -22.60 -8.99
C CYS B 40 2.43 -22.66 -9.49
N SER B 41 3.22 -21.61 -9.18
CA SER B 41 4.59 -21.53 -9.66
C SER B 41 5.54 -22.42 -8.84
N GLU B 42 5.40 -22.41 -7.51
CA GLU B 42 6.29 -23.17 -6.64
C GLU B 42 5.98 -24.66 -6.71
N ARG B 43 7.03 -25.49 -6.71
CA ARG B 43 6.81 -26.90 -6.41
C ARG B 43 6.44 -26.99 -4.94
N LEU B 44 5.22 -27.41 -4.67
CA LEU B 44 4.71 -27.45 -3.30
C LEU B 44 5.10 -28.72 -2.57
N ASP B 45 6.14 -29.43 -3.03
CA ASP B 45 6.52 -30.70 -2.43
C ASP B 45 6.78 -30.51 -0.94
N PRO B 46 6.27 -31.38 -0.08
CA PRO B 46 6.56 -31.24 1.36
C PRO B 46 8.03 -31.49 1.66
N VAL B 47 8.47 -31.30 2.90
CA VAL B 47 9.87 -31.50 3.30
C VAL B 47 9.89 -32.31 4.60
N LEU B 48 10.60 -33.44 4.60
CA LEU B 48 10.68 -34.28 5.79
C LEU B 48 11.69 -33.71 6.80
N LEU B 49 11.21 -33.42 8.02
CA LEU B 49 12.04 -32.85 9.06
C LEU B 49 12.27 -33.80 10.23
N ALA B 50 11.36 -34.73 10.47
CA ALA B 50 11.62 -35.86 11.35
C ALA B 50 11.19 -37.14 10.66
N GLY B 51 11.84 -38.24 11.04
CA GLY B 51 11.39 -39.56 10.64
C GLY B 51 10.90 -40.32 11.86
N GLY B 52 9.98 -41.24 11.62
CA GLY B 52 9.56 -42.15 12.66
C GLY B 52 10.36 -43.45 12.66
N PRO B 53 10.00 -44.36 13.53
CA PRO B 53 10.70 -45.63 13.59
C PRO B 53 10.29 -46.49 12.41
N THR B 54 11.23 -47.34 11.97
CA THR B 54 10.98 -48.31 10.91
C THR B 54 9.91 -49.33 11.32
N ASP B 55 8.66 -48.88 11.42
CA ASP B 55 7.54 -49.66 11.94
C ASP B 55 7.79 -50.28 13.32
N GLU B 58 3.57 -48.85 8.99
CA GLU B 58 2.67 -49.93 9.41
C GLU B 58 1.28 -49.41 9.73
N GLY B 59 0.86 -48.38 8.98
CA GLY B 59 -0.45 -47.79 9.17
C GLY B 59 -0.52 -46.61 10.11
N ARG B 60 0.61 -46.18 10.68
CA ARG B 60 0.58 -45.01 11.56
C ARG B 60 0.49 -43.72 10.76
N ALA B 61 0.13 -42.65 11.44
CA ALA B 61 -0.12 -41.40 10.78
C ALA B 61 1.11 -40.50 10.76
N VAL B 62 1.17 -39.66 9.74
CA VAL B 62 2.23 -38.68 9.59
C VAL B 62 1.70 -37.30 9.96
N LEU B 63 2.52 -36.54 10.68
CA LEU B 63 2.21 -35.14 10.96
C LEU B 63 2.53 -34.31 9.74
N VAL B 64 1.62 -33.44 9.34
CA VAL B 64 1.91 -32.46 8.29
C VAL B 64 1.81 -31.09 8.89
N GLY B 65 2.93 -30.38 8.98
CA GLY B 65 2.91 -29.00 9.37
C GLY B 65 2.49 -28.11 8.21
N CYS B 66 1.57 -27.20 8.51
CA CYS B 66 1.07 -26.21 7.55
C CYS B 66 1.72 -24.88 7.86
N THR B 67 2.57 -24.39 6.96
CA THR B 67 3.33 -23.19 7.26
C THR B 67 2.37 -22.02 7.48
N GLY B 68 2.73 -21.16 8.45
CA GLY B 68 1.91 -20.04 8.85
C GLY B 68 2.01 -18.86 7.91
N THR B 69 1.25 -17.83 8.24
CA THR B 69 1.12 -16.68 7.35
C THR B 69 2.25 -15.67 7.48
N ALA B 70 2.98 -15.70 8.60
CA ALA B 70 4.05 -14.74 8.88
C ALA B 70 4.98 -14.56 7.69
N ALA B 71 5.23 -13.28 7.34
CA ALA B 71 6.06 -12.95 6.19
C ALA B 71 7.51 -13.36 6.40
N ASN B 72 7.99 -13.29 7.63
CA ASN B 72 9.31 -13.77 8.02
C ASN B 72 9.35 -15.29 8.25
N GLY B 73 8.29 -16.00 7.93
CA GLY B 73 8.33 -17.43 8.02
C GLY B 73 8.92 -18.07 6.77
N GLY B 74 9.34 -19.31 6.94
CA GLY B 74 9.84 -20.06 5.82
C GLY B 74 9.88 -21.52 6.15
N PRO B 75 11.00 -22.16 5.82
CA PRO B 75 11.15 -23.59 6.14
C PRO B 75 11.47 -23.83 7.61
N HIS B 76 12.30 -22.94 8.18
CA HIS B 76 12.75 -23.01 9.57
C HIS B 76 11.63 -22.96 10.61
N GLU B 77 10.40 -22.62 10.21
CA GLU B 77 9.30 -22.51 11.17
C GLU B 77 9.17 -23.75 12.07
N PHE B 78 9.28 -24.94 11.50
CA PHE B 78 9.01 -26.16 12.24
C PHE B 78 10.26 -26.89 12.73
N LEU B 79 11.45 -26.33 12.50
CA LEU B 79 12.69 -27.02 12.84
C LEU B 79 12.79 -27.33 14.33
N ARG B 80 12.57 -26.32 15.18
CA ARG B 80 12.67 -26.60 16.61
C ARG B 80 11.64 -27.64 17.03
N LEU B 81 10.37 -27.43 16.66
CA LEU B 81 9.31 -28.37 17.03
C LEU B 81 9.61 -29.78 16.55
N SER B 82 10.04 -29.91 15.29
CA SER B 82 10.13 -31.22 14.63
C SER B 82 11.18 -32.12 15.27
N THR B 83 12.32 -31.56 15.75
CA THR B 83 13.33 -32.44 16.32
C THR B 83 12.78 -33.30 17.46
N SER B 84 11.66 -32.91 18.07
CA SER B 84 11.03 -33.74 19.09
C SER B 84 10.15 -34.85 18.52
N PHE B 85 9.85 -34.83 17.24
CA PHE B 85 9.20 -35.96 16.62
C PHE B 85 10.18 -36.93 15.99
N GLN B 86 11.47 -36.69 16.12
CA GLN B 86 12.44 -37.64 15.58
C GLN B 86 12.39 -38.96 16.36
N GLU B 87 12.25 -40.06 15.61
CA GLU B 87 12.11 -41.44 16.09
C GLU B 87 10.69 -41.70 16.57
N GLU B 88 9.79 -40.75 16.33
CA GLU B 88 8.40 -40.78 16.78
C GLU B 88 7.42 -40.82 15.62
N ARG B 89 7.45 -39.81 14.76
CA ARG B 89 6.51 -39.69 13.66
C ARG B 89 7.22 -39.03 12.52
N ASP B 90 6.82 -39.39 11.32
CA ASP B 90 7.17 -38.57 10.18
C ASP B 90 6.52 -37.20 10.35
N PHE B 91 7.31 -36.16 10.15
CA PHE B 91 6.84 -34.78 10.20
C PHE B 91 7.22 -34.16 8.86
N LEU B 92 6.24 -33.92 8.01
CA LEU B 92 6.48 -33.21 6.77
C LEU B 92 5.97 -31.79 6.90
N ALA B 93 6.69 -30.84 6.36
CA ALA B 93 6.24 -29.46 6.39
C ALA B 93 5.87 -29.04 4.98
N VAL B 94 4.63 -28.62 4.78
CA VAL B 94 4.21 -28.20 3.44
C VAL B 94 4.38 -26.68 3.33
N PRO B 95 4.89 -26.17 2.23
CA PRO B 95 5.02 -24.73 2.07
C PRO B 95 3.68 -24.09 1.77
N LEU B 96 3.63 -22.78 1.94
CA LEU B 96 2.40 -22.07 1.62
C LEU B 96 2.55 -21.37 0.28
N PRO B 97 1.59 -21.50 -0.63
CA PRO B 97 1.71 -20.83 -1.94
C PRO B 97 1.69 -19.32 -1.80
N GLY B 98 2.58 -18.65 -2.52
CA GLY B 98 2.71 -17.21 -2.46
C GLY B 98 4.01 -16.67 -1.92
N TYR B 99 4.97 -17.49 -1.45
CA TYR B 99 6.14 -16.96 -0.75
C TYR B 99 7.50 -17.40 -1.30
N GLY B 100 7.57 -18.12 -2.44
CA GLY B 100 8.79 -18.81 -2.82
C GLY B 100 9.77 -18.00 -3.72
N THR B 101 10.95 -18.61 -3.95
CA THR B 101 12.12 -18.05 -4.71
C THR B 101 12.00 -16.61 -5.23
N GLY B 106 13.40 -14.60 -8.42
CA GLY B 106 12.18 -13.82 -8.66
C GLY B 106 11.25 -13.80 -7.45
N THR B 107 9.94 -13.91 -7.73
CA THR B 107 8.89 -14.03 -6.71
C THR B 107 7.75 -14.90 -7.29
N ALA B 108 6.74 -15.20 -6.47
CA ALA B 108 5.73 -16.22 -6.77
C ALA B 108 4.33 -15.64 -7.00
N LEU B 109 3.54 -16.37 -7.77
CA LEU B 109 2.14 -16.00 -7.98
C LEU B 109 1.34 -16.18 -6.69
N LEU B 110 0.45 -15.23 -6.43
CA LEU B 110 -0.42 -15.26 -5.28
C LEU B 110 -1.66 -16.09 -5.59
N PRO B 111 -2.17 -16.85 -4.63
CA PRO B 111 -3.41 -17.59 -4.89
C PRO B 111 -4.54 -16.61 -5.12
N ALA B 112 -5.33 -16.86 -6.19
CA ALA B 112 -6.41 -15.96 -6.52
C ALA B 112 -7.44 -15.89 -5.39
N ASP B 113 -7.76 -17.05 -4.78
CA ASP B 113 -8.52 -17.13 -3.54
C ASP B 113 -7.99 -18.27 -2.67
N LEU B 114 -8.52 -18.37 -1.44
CA LEU B 114 -7.97 -19.31 -0.46
C LEU B 114 -8.05 -20.74 -0.96
N ASP B 115 -9.21 -21.15 -1.47
CA ASP B 115 -9.41 -22.55 -1.82
C ASP B 115 -8.46 -23.02 -2.90
N THR B 116 -8.08 -22.12 -3.82
CA THR B 116 -7.09 -22.48 -4.83
C THR B 116 -5.77 -22.88 -4.19
N ALA B 117 -5.38 -22.17 -3.13
CA ALA B 117 -4.12 -22.49 -2.47
C ALA B 117 -4.23 -23.76 -1.66
N LEU B 118 -5.32 -23.90 -0.91
CA LEU B 118 -5.56 -25.13 -0.18
C LEU B 118 -5.58 -26.33 -1.12
N ASP B 119 -6.18 -26.18 -2.30
CA ASP B 119 -6.24 -27.27 -3.26
C ASP B 119 -4.85 -27.67 -3.72
N ALA B 120 -4.05 -26.68 -4.15
CA ALA B 120 -2.66 -26.93 -4.54
C ALA B 120 -1.88 -27.57 -3.40
N GLN B 121 -2.18 -27.21 -2.16
CA GLN B 121 -1.51 -27.84 -1.03
C GLN B 121 -1.95 -29.29 -0.86
N ALA B 122 -3.27 -29.54 -0.91
CA ALA B 122 -3.77 -30.89 -0.70
C ALA B 122 -3.27 -31.84 -1.77
N ARG B 123 -3.11 -31.35 -3.02
CA ARG B 123 -2.61 -32.19 -4.09
C ARG B 123 -1.17 -32.64 -3.83
N ALA B 124 -0.38 -31.81 -3.13
CA ALA B 124 1.00 -32.15 -2.81
C ALA B 124 1.11 -33.03 -1.58
N ILE B 125 0.19 -32.86 -0.64
CA ILE B 125 0.21 -33.69 0.57
C ILE B 125 -0.18 -35.11 0.22
N LEU B 126 -1.24 -35.27 -0.58
CA LEU B 126 -1.68 -36.60 -0.98
C LEU B 126 -0.54 -37.37 -1.67
N ARG B 127 0.16 -36.72 -2.60
CA ARG B 127 1.28 -37.37 -3.28
C ARG B 127 2.33 -37.87 -2.30
N ALA B 128 2.80 -36.99 -1.41
CA ALA B 128 3.89 -37.35 -0.51
C ALA B 128 3.42 -38.23 0.64
N ALA B 129 2.14 -38.15 1.03
CA ALA B 129 1.67 -38.98 2.13
C ALA B 129 1.60 -40.45 1.73
N GLY B 130 1.38 -40.73 0.45
CA GLY B 130 1.05 -42.08 0.05
C GLY B 130 -0.30 -42.41 0.65
N ASP B 131 -0.35 -43.48 1.43
CA ASP B 131 -1.60 -43.92 2.05
C ASP B 131 -1.59 -43.79 3.56
N ALA B 132 -0.56 -43.20 4.14
CA ALA B 132 -0.57 -42.97 5.57
C ALA B 132 -1.76 -42.08 5.92
N PRO B 133 -2.46 -42.36 7.00
CA PRO B 133 -3.34 -41.35 7.59
C PRO B 133 -2.52 -40.12 7.95
N VAL B 134 -3.18 -38.97 7.95
CA VAL B 134 -2.51 -37.68 7.90
C VAL B 134 -3.12 -36.81 8.98
N VAL B 135 -2.29 -36.31 9.89
CA VAL B 135 -2.71 -35.36 10.90
C VAL B 135 -2.08 -34.00 10.62
N LEU B 136 -2.90 -32.95 10.64
CA LEU B 136 -2.51 -31.60 10.26
C LEU B 136 -2.13 -30.78 11.48
N LEU B 137 -1.19 -29.86 11.29
CA LEU B 137 -0.66 -29.05 12.39
C LEU B 137 -0.38 -27.62 11.95
N GLY B 138 -0.88 -26.67 12.71
CA GLY B 138 -0.61 -25.28 12.44
C GLY B 138 -0.51 -24.51 13.74
N HIS B 139 0.36 -23.49 13.72
CA HIS B 139 0.46 -22.50 14.81
C HIS B 139 -0.08 -21.15 14.34
N DPP B 140 -0.74 -20.46 15.25
CA DPP B 140 -1.35 -19.14 14.99
C DPP B 140 -2.20 -19.09 13.68
O DPP B 140 -3.20 -19.72 13.59
CB DPP B 140 -0.22 -18.04 15.01
NG DPP B 140 -0.95 -16.78 15.12
N GLY B 141 -1.77 -18.33 12.69
CA GLY B 141 -2.53 -18.21 11.46
C GLY B 141 -2.49 -19.53 10.75
N GLY B 142 -1.40 -20.27 10.99
CA GLY B 142 -1.31 -21.61 10.45
C GLY B 142 -2.37 -22.54 11.01
N ALA B 143 -2.77 -22.34 12.26
CA ALA B 143 -3.86 -23.12 12.84
C ALA B 143 -5.13 -23.00 11.99
N LEU B 144 -5.63 -21.77 11.83
CA LEU B 144 -6.77 -21.52 10.95
C LEU B 144 -6.58 -22.14 9.57
N LEU B 145 -5.38 -21.99 9.00
CA LEU B 145 -5.08 -22.57 7.70
C LEU B 145 -5.21 -24.09 7.71
N ALA B 146 -4.67 -24.74 8.74
CA ALA B 146 -4.69 -26.19 8.79
C ALA B 146 -6.11 -26.72 8.88
N HIS B 147 -6.96 -26.05 9.65
CA HIS B 147 -8.34 -26.51 9.74
C HIS B 147 -9.04 -26.36 8.39
N GLU B 148 -8.72 -25.32 7.64
CA GLU B 148 -9.35 -25.16 6.34
C GLU B 148 -8.87 -26.22 5.36
N LEU B 149 -7.58 -26.53 5.39
CA LEU B 149 -7.06 -27.60 4.55
C LEU B 149 -7.65 -28.95 4.95
N ALA B 150 -7.92 -29.13 6.23
CA ALA B 150 -8.54 -30.38 6.66
C ALA B 150 -9.96 -30.48 6.12
N PHE B 151 -10.69 -29.38 6.14
CA PHE B 151 -12.02 -29.36 5.56
C PHE B 151 -11.95 -29.49 4.05
N ARG B 152 -10.92 -28.92 3.43
CA ARG B 152 -10.78 -29.00 1.98
C ARG B 152 -10.30 -30.36 1.52
N LEU B 153 -9.69 -31.15 2.41
CA LEU B 153 -9.28 -32.50 2.03
C LEU B 153 -10.46 -33.46 2.15
N GLU B 154 -11.22 -33.36 3.24
CA GLU B 154 -12.48 -34.05 3.46
C GLU B 154 -13.38 -33.91 2.24
N ARG B 155 -13.87 -32.69 1.96
CA ARG B 155 -14.88 -32.48 0.91
C ARG B 155 -14.30 -32.59 -0.50
N ALA B 156 -13.38 -31.70 -0.85
CA ALA B 156 -12.95 -31.61 -2.26
C ALA B 156 -12.18 -32.84 -2.74
N HIS B 157 -11.44 -33.53 -1.85
CA HIS B 157 -10.56 -34.63 -2.26
C HIS B 157 -10.88 -35.95 -1.60
N GLY B 158 -11.97 -36.03 -0.81
CA GLY B 158 -12.37 -37.24 -0.14
C GLY B 158 -11.24 -37.99 0.55
N ALA B 159 -10.46 -37.26 1.35
CA ALA B 159 -9.29 -37.82 2.03
C ALA B 159 -9.22 -37.20 3.42
N PRO B 160 -10.23 -37.42 4.25
CA PRO B 160 -10.33 -36.67 5.51
C PRO B 160 -9.18 -37.02 6.43
N PRO B 161 -8.52 -36.01 7.00
CA PRO B 161 -7.41 -36.27 7.91
C PRO B 161 -7.85 -37.01 9.15
N ALA B 162 -6.89 -37.74 9.73
CA ALA B 162 -7.05 -38.42 10.99
C ALA B 162 -7.18 -37.48 12.19
N GLY B 163 -6.90 -36.20 12.04
CA GLY B 163 -6.97 -35.28 13.17
C GLY B 163 -6.22 -34.00 12.88
N ILE B 164 -6.50 -32.99 13.67
CA ILE B 164 -5.92 -31.67 13.45
C ILE B 164 -5.39 -31.16 14.77
N VAL B 165 -4.14 -30.70 14.76
CA VAL B 165 -3.55 -30.01 15.90
C VAL B 165 -3.57 -28.52 15.59
N LEU B 166 -4.20 -27.76 16.47
CA LEU B 166 -4.33 -26.32 16.34
C LEU B 166 -3.55 -25.72 17.50
N VAL B 167 -2.41 -25.09 17.19
CA VAL B 167 -1.54 -24.46 18.20
C VAL B 167 -1.90 -22.97 18.27
N ASP B 168 -2.64 -22.59 19.33
CA ASP B 168 -3.06 -21.25 19.72
C ASP B 168 -3.87 -20.53 18.64
N PRO B 169 -4.98 -21.10 18.17
CA PRO B 169 -5.77 -20.40 17.15
C PRO B 169 -6.70 -19.36 17.75
N TYR B 170 -6.82 -18.22 17.05
CA TYR B 170 -7.76 -17.16 17.38
C TYR B 170 -8.64 -16.96 16.15
N PRO B 171 -9.72 -17.74 16.04
CA PRO B 171 -10.57 -17.67 14.84
C PRO B 171 -11.49 -16.46 14.87
N PRO B 172 -12.19 -16.16 13.78
CA PRO B 172 -12.86 -14.86 13.67
C PRO B 172 -13.89 -14.54 14.76
N GLY B 173 -14.43 -15.51 15.46
CA GLY B 173 -15.25 -15.14 16.60
C GLY B 173 -14.46 -14.51 17.74
N HIS B 174 -13.24 -14.96 17.95
CA HIS B 174 -12.63 -14.80 19.26
C HIS B 174 -11.25 -14.16 19.13
N GLN B 175 -11.16 -13.08 18.38
CA GLN B 175 -9.88 -12.46 18.09
C GLN B 175 -9.57 -11.26 18.99
N GLU B 176 -10.43 -10.97 19.97
CA GLU B 176 -10.22 -9.78 20.78
C GLU B 176 -8.86 -9.73 21.48
N PRO B 177 -8.26 -10.82 21.93
CA PRO B 177 -6.95 -10.71 22.60
C PRO B 177 -5.82 -10.48 21.61
N ILE B 178 -6.02 -10.98 20.39
CA ILE B 178 -5.08 -10.74 19.29
C ILE B 178 -5.03 -9.26 18.91
N GLU B 179 -6.20 -8.60 18.82
CA GLU B 179 -6.24 -7.17 18.48
C GLU B 179 -5.61 -6.31 19.57
N VAL B 180 -6.01 -6.52 20.81
CA VAL B 180 -5.43 -5.81 21.94
C VAL B 180 -3.90 -5.91 21.92
N TRP B 181 -3.36 -7.05 21.53
CA TRP B 181 -1.92 -7.26 21.60
C TRP B 181 -1.21 -7.06 20.28
N SER B 182 -1.87 -6.46 19.29
CA SER B 182 -1.33 -6.38 17.94
C SER B 182 0.01 -5.64 17.90
N ARG B 183 0.26 -4.75 18.84
CA ARG B 183 1.58 -4.13 18.89
C ARG B 183 2.66 -5.20 19.05
N GLN B 184 2.48 -6.10 20.01
CA GLN B 184 3.47 -7.15 20.25
C GLN B 184 3.56 -8.11 19.07
N LEU B 185 2.41 -8.46 18.48
CA LEU B 185 2.42 -9.30 17.29
C LEU B 185 3.29 -8.68 16.20
N GLY B 186 3.11 -7.39 15.95
CA GLY B 186 3.92 -6.74 14.93
C GLY B 186 5.38 -6.70 15.31
N GLU B 187 5.67 -6.32 16.56
CA GLU B 187 7.03 -6.33 17.08
C GLU B 187 7.65 -7.74 17.00
N GLY B 188 6.85 -8.77 17.26
CA GLY B 188 7.36 -10.13 17.17
C GLY B 188 7.79 -10.52 15.77
N LEU B 189 7.08 -10.03 14.75
CA LEU B 189 7.50 -10.28 13.38
C LEU B 189 8.88 -9.73 13.13
N PHE B 190 9.16 -8.53 13.65
CA PHE B 190 10.45 -7.91 13.36
C PHE B 190 11.57 -8.59 14.13
N ALA B 191 11.43 -8.70 15.45
CA ALA B 191 12.24 -9.56 16.30
C ALA B 191 12.72 -10.80 15.57
N GLY B 192 11.77 -11.62 15.12
CA GLY B 192 12.09 -12.90 14.52
C GLY B 192 12.43 -12.83 13.06
N GLU B 193 13.42 -12.01 12.68
CA GLU B 193 13.80 -11.80 11.29
C GLU B 193 15.19 -12.37 11.02
N LEU B 194 15.27 -13.31 10.09
CA LEU B 194 16.57 -13.74 9.62
C LEU B 194 17.10 -12.81 8.53
N GLU B 195 16.22 -12.15 7.80
CA GLU B 195 16.62 -11.18 6.79
C GLU B 195 15.52 -10.14 6.70
N PRO B 196 15.75 -9.04 5.99
CA PRO B 196 14.66 -8.07 5.76
C PRO B 196 13.48 -8.72 5.02
N MET B 197 12.31 -8.72 5.68
CA MET B 197 11.08 -9.16 5.05
C MET B 197 10.91 -8.51 3.69
N SER B 198 10.72 -9.34 2.66
CA SER B 198 10.52 -8.79 1.33
C SER B 198 9.13 -8.17 1.24
N ASP B 199 8.98 -7.23 0.32
CA ASP B 199 7.65 -6.68 0.08
C ASP B 199 6.75 -7.73 -0.56
N ALA B 200 7.30 -8.62 -1.40
CA ALA B 200 6.49 -9.64 -2.02
C ALA B 200 5.78 -10.47 -0.98
N ARG B 201 6.50 -10.86 0.08
CA ARG B 201 5.92 -11.70 1.15
C ARG B 201 5.00 -10.93 2.08
N LEU B 202 5.30 -9.64 2.35
CA LEU B 202 4.35 -8.86 3.13
C LEU B 202 3.00 -8.81 2.43
N LEU B 203 2.99 -8.62 1.10
CA LEU B 203 1.74 -8.70 0.34
C LEU B 203 1.09 -10.08 0.49
N ALA B 204 1.86 -11.15 0.28
CA ALA B 204 1.35 -12.48 0.48
C ALA B 204 0.70 -12.62 1.85
N MET B 205 1.39 -12.11 2.89
CA MET B 205 0.87 -12.17 4.25
C MET B 205 -0.47 -11.45 4.36
N GLY B 206 -0.51 -10.21 3.86
CA GLY B 206 -1.76 -9.45 3.85
C GLY B 206 -2.91 -10.13 3.14
N ARG B 207 -2.62 -10.79 2.01
CA ARG B 207 -3.67 -11.49 1.26
C ARG B 207 -4.26 -12.65 2.06
N TYR B 208 -3.40 -13.53 2.59
CA TYR B 208 -3.90 -14.62 3.40
C TYR B 208 -4.60 -14.12 4.65
N ALA B 209 -4.13 -12.99 5.22
CA ALA B 209 -4.81 -12.38 6.37
C ALA B 209 -6.24 -12.04 6.03
N ARG B 210 -6.47 -11.63 4.78
CA ARG B 210 -7.81 -11.29 4.32
C ARG B 210 -8.64 -12.56 4.12
N PHE B 211 -8.09 -13.56 3.39
CA PHE B 211 -8.75 -14.86 3.25
C PHE B 211 -9.27 -15.37 4.59
N LEU B 212 -8.40 -15.38 5.59
CA LEU B 212 -8.72 -16.01 6.86
C LEU B 212 -9.59 -15.15 7.75
N ALA B 213 -9.52 -13.82 7.60
CA ALA B 213 -10.43 -12.97 8.36
C ALA B 213 -11.87 -13.25 7.97
N GLY B 214 -12.10 -13.65 6.72
CA GLY B 214 -13.41 -13.69 6.13
C GLY B 214 -14.31 -14.74 6.72
N PRO B 215 -15.57 -14.74 6.28
CA PRO B 215 -16.53 -15.75 6.75
C PRO B 215 -16.17 -17.10 6.16
N ARG B 216 -16.12 -18.14 7.02
CA ARG B 216 -15.75 -19.45 6.51
C ARG B 216 -16.64 -20.54 7.08
N PRO B 217 -17.29 -21.32 6.23
CA PRO B 217 -18.48 -22.07 6.67
C PRO B 217 -18.22 -23.38 7.41
N GLY B 218 -17.61 -24.35 6.74
CA GLY B 218 -17.59 -25.70 7.26
C GLY B 218 -16.69 -25.86 8.47
N ARG B 219 -17.13 -26.76 9.36
CA ARG B 219 -16.28 -27.37 10.38
C ARG B 219 -15.87 -28.76 9.87
N SER B 220 -14.60 -29.11 10.08
CA SER B 220 -14.05 -30.36 9.57
C SER B 220 -14.30 -31.49 10.56
N SER B 221 -14.68 -32.65 10.04
CA SER B 221 -15.09 -33.75 10.90
C SER B 221 -13.94 -34.40 11.66
N ALA B 222 -12.69 -34.04 11.37
CA ALA B 222 -11.55 -34.63 12.05
C ALA B 222 -11.45 -34.16 13.50
N PRO B 223 -11.00 -35.02 14.40
CA PRO B 223 -10.91 -34.62 15.81
C PRO B 223 -9.82 -33.57 16.04
N VAL B 224 -10.13 -32.56 16.83
CA VAL B 224 -9.28 -31.40 16.98
C VAL B 224 -8.56 -31.46 18.31
N LEU B 225 -7.25 -31.25 18.29
CA LEU B 225 -6.47 -31.05 19.50
C LEU B 225 -6.11 -29.58 19.59
N LEU B 226 -6.45 -28.94 20.69
CA LEU B 226 -6.27 -27.51 20.84
C LEU B 226 -5.16 -27.27 21.84
N VAL B 227 -3.98 -26.86 21.37
CA VAL B 227 -2.86 -26.52 22.25
C VAL B 227 -2.89 -25.02 22.54
N ARG B 228 -3.04 -24.66 23.81
CA ARG B 228 -3.18 -23.28 24.24
C ARG B 228 -1.95 -22.84 25.03
N ALA B 229 -1.57 -21.58 24.86
CA ALA B 229 -0.51 -21.01 25.68
C ALA B 229 -1.01 -20.78 27.10
N SER B 230 -0.07 -20.56 28.02
CA SER B 230 -0.36 -20.36 29.44
C SER B 230 -0.23 -18.91 29.91
N GLU B 231 0.76 -18.18 29.41
CA GLU B 231 1.15 -16.78 29.57
C GLU B 231 0.44 -15.90 28.55
N PRO B 232 0.00 -14.72 28.94
CA PRO B 232 -0.54 -13.78 27.97
C PRO B 232 0.58 -13.01 27.28
N LEU B 233 0.32 -12.63 26.03
CA LEU B 233 1.36 -11.97 25.24
C LEU B 233 1.62 -10.57 25.73
N GLY B 234 0.58 -9.87 26.13
CA GLY B 234 0.69 -8.56 26.74
C GLY B 234 -0.16 -8.47 27.98
N ASP B 235 -0.67 -7.27 28.22
CA ASP B 235 -1.46 -6.95 29.39
C ASP B 235 -2.92 -7.33 29.14
N TRP B 236 -3.65 -7.57 30.22
CA TRP B 236 -5.01 -8.04 30.08
C TRP B 236 -5.65 -8.02 31.45
N GLN B 237 -6.69 -7.20 31.64
CA GLN B 237 -7.36 -7.15 32.92
C GLN B 237 -8.27 -8.35 33.04
N GLU B 238 -8.04 -9.14 34.10
CA GLU B 238 -8.87 -10.29 34.41
C GLU B 238 -10.35 -9.94 34.35
N GLU B 239 -10.70 -8.67 34.58
CA GLU B 239 -12.07 -8.19 34.45
C GLU B 239 -12.68 -8.47 33.08
N ARG B 240 -11.85 -8.74 32.08
CA ARG B 240 -12.31 -8.74 30.71
C ARG B 240 -12.49 -10.14 30.13
N GLY B 241 -12.14 -11.17 30.89
CA GLY B 241 -12.44 -12.52 30.50
C GLY B 241 -11.23 -13.31 30.10
N ASP B 242 -11.50 -14.39 29.37
CA ASP B 242 -10.49 -15.34 28.94
C ASP B 242 -9.77 -14.80 27.72
N TRP B 243 -8.45 -14.67 27.83
CA TRP B 243 -7.63 -14.31 26.69
C TRP B 243 -7.10 -15.52 25.93
N ARG B 244 -7.34 -16.72 26.44
CA ARG B 244 -6.72 -17.87 25.84
C ARG B 244 -7.29 -18.12 24.45
N ALA B 245 -6.51 -18.83 23.63
CA ALA B 245 -6.98 -19.21 22.32
C ALA B 245 -8.19 -20.14 22.44
N HIS B 246 -8.99 -20.20 21.38
CA HIS B 246 -10.29 -20.84 21.46
C HIS B 246 -10.57 -21.67 20.22
N TRP B 247 -11.09 -22.87 20.44
CA TRP B 247 -11.77 -23.63 19.41
C TRP B 247 -13.07 -24.22 19.97
N ASP B 248 -13.97 -24.53 19.05
CA ASP B 248 -15.33 -24.96 19.32
C ASP B 248 -15.39 -26.47 19.35
N LEU B 249 -15.61 -27.04 20.55
CA LEU B 249 -15.57 -28.47 20.77
C LEU B 249 -14.19 -29.01 20.42
N PRO B 250 -13.18 -28.68 21.21
CA PRO B 250 -11.91 -29.39 21.08
C PRO B 250 -12.11 -30.83 21.51
N HIS B 251 -11.70 -31.76 20.64
CA HIS B 251 -11.57 -33.16 21.07
C HIS B 251 -10.62 -33.33 22.25
N THR B 252 -9.60 -32.46 22.38
CA THR B 252 -8.72 -32.48 23.54
C THR B 252 -8.07 -31.10 23.70
N VAL B 253 -7.85 -30.69 24.94
CA VAL B 253 -7.24 -29.42 25.25
C VAL B 253 -5.97 -29.70 26.03
N ALA B 254 -4.91 -28.96 25.69
CA ALA B 254 -3.58 -29.13 26.25
C ALA B 254 -2.96 -27.76 26.47
N ASP B 255 -2.49 -27.50 27.68
CA ASP B 255 -1.86 -26.24 28.00
C ASP B 255 -0.35 -26.46 28.07
N VAL B 256 0.41 -25.60 27.41
CA VAL B 256 1.87 -25.71 27.43
C VAL B 256 2.42 -24.39 27.96
N PRO B 257 3.66 -24.39 28.43
CA PRO B 257 4.22 -23.19 29.06
C PRO B 257 4.52 -22.07 28.07
N GLY B 258 4.54 -20.85 28.58
CA GLY B 258 4.86 -19.70 27.74
C GLY B 258 3.65 -19.07 27.06
N ASP B 259 3.94 -18.15 26.14
CA ASP B 259 2.93 -17.32 25.47
C ASP B 259 2.87 -17.62 23.98
N HIS B 260 2.07 -16.82 23.27
CA HIS B 260 1.81 -17.04 21.85
C HIS B 260 3.08 -17.28 21.04
N PHE B 261 4.19 -16.68 21.45
CA PHE B 261 5.44 -16.79 20.73
C PHE B 261 6.34 -17.86 21.32
N THR B 262 6.58 -17.82 22.63
CA THR B 262 7.56 -18.71 23.22
C THR B 262 7.09 -20.16 23.28
N MET B 263 5.81 -20.46 23.06
CA MET B 263 5.41 -21.85 23.09
C MET B 263 5.98 -22.65 21.93
N MET B 264 6.42 -22.00 20.87
CA MET B 264 7.02 -22.70 19.74
C MET B 264 8.51 -22.46 19.63
N ARG B 265 9.06 -21.58 20.47
CA ARG B 265 10.48 -21.35 20.52
C ARG B 265 11.05 -22.14 21.68
N ASP B 266 11.00 -21.55 22.87
CA ASP B 266 11.57 -22.17 24.06
C ASP B 266 10.89 -23.50 24.37
N HIS B 267 9.57 -23.50 24.47
CA HIS B 267 8.78 -24.62 24.98
C HIS B 267 8.16 -25.47 23.89
N ALA B 268 8.84 -25.68 22.77
CA ALA B 268 8.25 -26.54 21.75
C ALA B 268 8.19 -28.03 22.16
N PRO B 269 9.12 -28.54 22.99
CA PRO B 269 9.00 -29.94 23.41
C PRO B 269 7.71 -30.29 24.14
N ALA B 270 7.16 -29.34 24.93
CA ALA B 270 5.88 -29.55 25.58
C ALA B 270 4.75 -29.68 24.58
N VAL B 271 4.84 -28.93 23.47
CA VAL B 271 3.85 -28.99 22.40
C VAL B 271 3.91 -30.33 21.69
N ALA B 272 5.14 -30.83 21.42
CA ALA B 272 5.30 -32.17 20.83
C ALA B 272 4.85 -33.25 21.80
N GLU B 273 5.09 -33.05 23.08
CA GLU B 273 4.63 -34.03 24.05
C GLU B 273 3.11 -34.12 24.06
N ALA B 274 2.41 -32.99 23.97
CA ALA B 274 0.96 -33.06 23.89
C ALA B 274 0.51 -33.77 22.63
N VAL B 275 1.21 -33.55 21.52
CA VAL B 275 0.79 -34.12 20.25
C VAL B 275 0.96 -35.63 20.27
N LEU B 276 2.11 -36.09 20.77
CA LEU B 276 2.39 -37.52 20.85
C LEU B 276 1.35 -38.23 21.72
N SER B 277 1.17 -37.76 22.96
CA SER B 277 0.13 -38.32 23.84
C SER B 277 -1.21 -38.42 23.15
N TRP B 278 -1.57 -37.37 22.42
CA TRP B 278 -2.88 -37.31 21.80
C TRP B 278 -2.96 -38.24 20.60
N LEU B 279 -1.89 -38.33 19.80
CA LEU B 279 -1.96 -39.14 18.60
C LEU B 279 -2.13 -40.61 18.92
N ASP B 280 -1.64 -41.04 20.07
CA ASP B 280 -1.80 -42.43 20.45
C ASP B 280 -3.19 -42.67 20.99
N ALA B 281 -3.66 -41.79 21.86
CA ALA B 281 -5.02 -41.87 22.39
C ALA B 281 -6.10 -41.92 21.31
N ILE B 282 -5.77 -41.67 20.04
CA ILE B 282 -6.78 -41.68 18.99
C ILE B 282 -6.58 -42.81 17.99
N GLU B 283 -5.56 -43.65 18.17
CA GLU B 283 -5.28 -44.74 17.23
C GLU B 283 -5.66 -46.13 17.78
C1 A1AWF C . -3.42 16.23 -13.37
C2 A1AWF C . -4.53 15.18 -13.16
C3 A1AWF C . -5.58 15.73 -12.13
C4 A1AWF C . -6.44 14.82 -11.21
C5 A1AWF C . -6.10 15.11 -9.74
C6 A1AWF C . -4.62 14.78 -9.47
C7 A1AWF C . -4.44 13.26 -9.77
C8 A1AWF C . -2.98 12.77 -9.57
C9 A1AWF C . -2.04 13.27 -10.68
C10 A1AWF C . -2.10 12.66 -12.11
C11 A1AWF C . -1.16 13.23 -12.86
C12 A1AWF C . -0.89 12.84 -14.33
C13 A1AWF C . -0.60 14.23 -15.03
C14 A1AWF C . 0.84 14.41 -15.54
C15 A1AWF C . 1.36 15.83 -15.29
C2C A1AWF C . -5.18 14.77 -14.52
C4C A1AWF C . -7.96 15.07 -11.42
C6C A1AWF C . -4.23 15.19 -8.04
C8C A1AWF C . -2.82 11.23 -9.61
O1C A1AWF C . -2.35 16.13 -12.83
O3C A1AWF C . -5.74 16.91 -12.02
O5C A1AWF C . -6.88 14.27 -8.89
O9C A1AWF C . -1.22 14.10 -10.42
C12C A1AWF C . -1.94 11.83 -14.89
O13C A1AWF C . -1.52 14.58 -16.06
C1 A1AWF D . -0.76 -15.72 14.12
C2 A1AWF D . -1.64 -14.46 14.29
C3 A1AWF D . -3.12 -14.82 13.90
C4 A1AWF D . -4.13 -13.76 13.35
C5 A1AWF D . -4.49 -14.17 11.89
C6 A1AWF D . -3.22 -14.08 11.03
C7 A1AWF D . -2.52 -12.71 11.32
C8 A1AWF D . -1.31 -12.37 10.41
C9 A1AWF D . 0.04 -12.99 10.84
C10 A1AWF D . 0.59 -12.93 12.29
C11 A1AWF D . 1.80 -13.51 12.45
C12 A1AWF D . 2.47 -13.51 13.86
C13 A1AWF D . 3.09 -14.92 14.28
C14 A1AWF D . 4.63 -15.04 14.07
C15 A1AWF D . 5.23 -16.44 14.38
C2C A1AWF D . -1.60 -13.97 15.75
C4C A1AWF D . -5.40 -13.61 14.21
C6C A1AWF D . -3.61 -14.31 9.56
C8C A1AWF D . -1.04 -10.86 10.32
O1C A1AWF D . 0.00 -15.88 13.20
O3C A1AWF D . -3.51 -15.95 14.01
O5C A1AWF D . -5.43 -13.26 11.33
O9C A1AWF D . 0.69 -13.49 9.98
C12C A1AWF D . 1.47 -12.83 14.83
O13C A1AWF D . 2.81 -15.34 15.63
#